data_3FW3
#
_entry.id   3FW3
#
_cell.length_a   49.991
_cell.length_b   70.826
_cell.length_c   71.774
_cell.angle_alpha   90.00
_cell.angle_beta   91.91
_cell.angle_gamma   90.00
#
_symmetry.space_group_name_H-M   'P 1 21 1'
#
loop_
_entity.id
_entity.type
_entity.pdbx_description
1 polymer 'Carbonic anhydrase 4'
2 non-polymer 'ZINC ION'
3 non-polymer (4S-TRANS)-4-(ETHYLAMINO)-5,6-DIHYDRO-6-METHYL-4H-THIENO(2,3-B)THIOPYRAN-2-SULFONAMIDE-7,7-DIOXIDE
4 non-polymer alpha-D-glucopyranose
5 non-polymer 'SULFATE ION'
6 water water
#
_entity_poly.entity_id   1
_entity_poly.type   'polypeptide(L)'
_entity_poly.pdbx_seq_one_letter_code
;AESHWCYEVQAESSNYPCLVPVKWGGNCQKDRQSPINIVTTKAKVDKKLGRFFFSGYDKKQTWTVQNNGHSVMMLLENKA
SISGGGLPAPYQAKQLHLHWSDLPYKGSEHSLDGEHFAMEMHIVHEKEKGTSRNVKEAQDPEDEIAVLAFLVEAGTQVNE
GFQPLVEALSNIPKPEMSTTMAESSLLDLLPKEEKLRHYFRYLGSLTTPTCDEKVVWTVFREPIQLHREQILAFSQKLYY
DKEQTVSMKDNVRPLQQLGQRTVIKS
;
_entity_poly.pdbx_strand_id   A,B
#
# COMPACT_ATOMS: atom_id res chain seq x y z
N TRP A 5 -14.55 -20.55 0.34
CA TRP A 5 -13.66 -19.36 0.23
C TRP A 5 -12.50 -19.43 1.21
N CYS A 6 -11.40 -18.80 0.84
CA CYS A 6 -10.22 -18.75 1.69
C CYS A 6 -9.35 -17.49 1.47
N TYR A 7 -8.39 -17.27 2.37
CA TYR A 7 -7.36 -16.28 2.16
C TYR A 7 -6.24 -16.81 1.26
N GLU A 8 -5.47 -15.89 0.70
CA GLU A 8 -4.38 -16.21 -0.22
C GLU A 8 -3.45 -17.24 0.42
N VAL A 9 -3.10 -17.02 1.67
CA VAL A 9 -2.19 -17.90 2.39
C VAL A 9 -2.66 -19.35 2.48
N GLN A 10 -3.97 -19.59 2.53
CA GLN A 10 -4.49 -20.94 2.69
C GLN A 10 -4.38 -21.79 1.42
N ALA A 11 -4.42 -21.13 0.26
CA ALA A 11 -4.33 -21.78 -1.05
C ALA A 11 -3.00 -22.55 -1.25
N GLU A 12 -1.89 -21.92 -0.88
CA GLU A 12 -0.56 -22.56 -0.95
C GLU A 12 -0.47 -23.95 -0.29
N SER A 13 -1.23 -24.17 0.79
CA SER A 13 -1.19 -25.43 1.53
C SER A 13 -2.56 -26.10 1.74
N SER A 14 -3.46 -25.98 0.76
CA SER A 14 -4.82 -26.55 0.90
C SER A 14 -4.89 -28.07 0.61
N ASN A 15 -5.55 -28.80 1.52
CA ASN A 15 -5.68 -30.27 1.43
C ASN A 15 -6.85 -30.69 0.54
N CYS A 18 -9.99 -24.13 -2.98
CA CYS A 18 -10.75 -23.06 -2.34
C CYS A 18 -10.65 -21.73 -3.11
N LEU A 19 -11.59 -20.82 -2.90
CA LEU A 19 -11.66 -19.57 -3.65
C LEU A 19 -10.82 -18.46 -2.99
N VAL A 20 -9.75 -18.02 -3.67
CA VAL A 20 -8.86 -16.99 -3.12
C VAL A 20 -9.49 -15.59 -3.27
N PRO A 21 -9.07 -14.60 -2.49
CA PRO A 21 -9.73 -13.29 -2.47
C PRO A 21 -10.03 -12.61 -3.82
N VAL A 22 -9.11 -12.66 -4.78
CA VAL A 22 -9.37 -12.01 -6.08
C VAL A 22 -10.45 -12.74 -6.89
N LYS A 23 -10.77 -13.98 -6.52
CA LYS A 23 -11.83 -14.74 -7.14
C LYS A 23 -13.07 -14.90 -6.27
N TRP A 24 -13.17 -14.16 -5.17
CA TRP A 24 -14.36 -14.27 -4.36
C TRP A 24 -15.56 -13.77 -5.19
N GLY A 25 -16.97 -14.51 -5.08
CA GLY A 25 -18.07 -14.02 -5.87
C GLY A 25 -18.95 -13.16 -4.99
N GLY A 26 -20.26 -13.39 -5.04
CA GLY A 26 -21.21 -12.57 -4.32
C GLY A 26 -21.07 -11.10 -4.68
N ASN A 27 -21.04 -10.28 -3.66
CA ASN A 27 -20.89 -8.86 -3.83
C ASN A 27 -19.43 -8.40 -3.85
N CYS A 28 -18.49 -9.37 -3.83
CA CYS A 28 -17.10 -9.07 -3.52
C CYS A 28 -16.38 -8.35 -4.62
N GLN A 29 -16.93 -8.44 -5.83
CA GLN A 29 -16.40 -7.75 -6.99
C GLN A 29 -17.10 -6.41 -7.25
N LYS A 30 -17.87 -5.90 -6.30
CA LYS A 30 -18.51 -4.59 -6.51
C LYS A 30 -17.60 -3.39 -6.13
N ASP A 31 -18.22 -2.22 -5.98
CA ASP A 31 -17.67 -0.89 -6.02
C ASP A 31 -17.47 -0.10 -4.71
N ARG A 32 -18.10 -0.57 -3.62
CA ARG A 32 -18.07 0.12 -2.33
C ARG A 32 -17.57 -0.89 -1.28
N GLN A 33 -16.40 -1.46 -1.55
CA GLN A 33 -15.89 -2.59 -0.78
C GLN A 33 -14.88 -2.10 0.27
N SER A 34 -14.62 -2.99 1.23
CA SER A 34 -13.67 -2.77 2.32
C SER A 34 -12.70 -3.94 2.39
N PRO A 35 -11.48 -3.78 2.91
CA PRO A 35 -10.96 -2.56 3.51
C PRO A 35 -10.36 -1.59 2.49
N ILE A 36 -9.96 -0.43 2.98
CA ILE A 36 -9.36 0.64 2.17
C ILE A 36 -8.15 1.21 2.90
N ASN A 37 -7.33 1.93 2.12
CA ASN A 37 -6.32 2.82 2.63
C ASN A 37 -6.97 4.19 2.84
N ILE A 38 -6.77 4.76 4.02
CA ILE A 38 -7.29 6.07 4.36
C ILE A 38 -6.18 7.13 4.27
N VAL A 39 -6.33 8.06 3.33
CA VAL A 39 -5.43 9.22 3.21
C VAL A 39 -5.99 10.26 4.16
N THR A 40 -5.31 10.48 5.29
CA THR A 40 -5.90 11.23 6.39
C THR A 40 -6.12 12.69 6.04
N THR A 41 -5.22 13.27 5.26
CA THR A 41 -5.40 14.64 4.83
C THR A 41 -6.53 14.84 3.86
N LYS A 42 -6.99 13.77 3.19
CA LYS A 42 -8.10 13.86 2.24
C LYS A 42 -9.45 13.64 2.91
N ALA A 43 -9.42 13.18 4.16
CA ALA A 43 -10.64 12.99 4.94
C ALA A 43 -11.05 14.31 5.57
N LYS A 44 -12.28 14.73 5.32
CA LYS A 44 -12.78 16.00 5.82
C LYS A 44 -13.36 15.86 7.22
N VAL A 45 -13.08 16.83 8.09
CA VAL A 45 -13.70 16.88 9.42
C VAL A 45 -15.20 17.13 9.28
N ASP A 46 -16.00 16.31 9.97
CA ASP A 46 -17.46 16.43 9.98
C ASP A 46 -17.85 16.61 11.44
N LYS A 47 -18.45 17.75 11.77
CA LYS A 47 -18.72 18.11 13.18
C LYS A 47 -19.80 17.24 13.80
N LYS A 48 -20.56 16.53 12.98
CA LYS A 48 -21.59 15.59 13.44
C LYS A 48 -21.05 14.25 13.95
N LEU A 49 -19.75 14.03 13.80
CA LEU A 49 -19.14 12.79 14.27
C LEU A 49 -18.73 12.99 15.69
N GLY A 50 -19.70 12.84 16.61
CA GLY A 50 -19.48 13.10 18.02
C GLY A 50 -18.90 11.92 18.77
N ARG A 51 -18.76 12.07 20.08
CA ARG A 51 -18.30 10.95 20.90
C ARG A 51 -19.21 9.71 20.78
N PHE A 52 -18.59 8.53 20.84
CA PHE A 52 -19.29 7.27 21.08
C PHE A 52 -19.64 7.16 22.56
N PHE A 53 -20.78 6.52 22.83
CA PHE A 53 -21.24 6.18 24.15
C PHE A 53 -21.45 4.66 24.19
N PHE A 54 -20.84 4.02 25.18
CA PHE A 54 -20.80 2.60 25.31
C PHE A 54 -21.71 2.14 26.45
N SER A 55 -22.39 1.04 26.22
CA SER A 55 -23.26 0.45 27.21
C SER A 55 -22.92 -1.07 27.31
N GLY A 56 -22.68 -1.51 28.54
CA GLY A 56 -22.29 -2.88 28.79
C GLY A 56 -20.83 -3.22 28.47
N TYR A 57 -20.03 -2.24 28.07
CA TYR A 57 -18.62 -2.45 27.78
C TYR A 57 -17.80 -2.53 29.08
N ASP A 58 -18.32 -1.94 30.16
CA ASP A 58 -17.64 -1.96 31.45
C ASP A 58 -17.92 -3.24 32.29
N LYS A 59 -18.95 -4.01 31.95
CA LYS A 59 -19.34 -5.19 32.75
C LYS A 59 -18.41 -6.39 32.51
N LYS A 60 -17.92 -7.00 33.59
CA LYS A 60 -17.18 -8.27 33.48
C LYS A 60 -18.12 -9.43 33.08
N GLN A 61 -17.74 -10.17 32.06
CA GLN A 61 -18.53 -11.32 31.57
C GLN A 61 -17.56 -12.49 31.39
N THR A 62 -18.08 -13.70 31.34
CA THR A 62 -17.32 -14.87 30.84
C THR A 62 -17.72 -15.18 29.40
N TRP A 63 -16.99 -14.66 28.44
CA TRP A 63 -17.39 -14.77 27.03
C TRP A 63 -17.08 -16.12 26.39
N THR A 64 -17.96 -16.60 25.52
CA THR A 64 -17.64 -17.72 24.67
C THR A 64 -16.79 -17.21 23.51
N VAL A 65 -15.68 -17.88 23.23
CA VAL A 65 -14.81 -17.51 22.13
C VAL A 65 -14.58 -18.78 21.30
N GLN A 66 -14.61 -18.66 19.98
CA GLN A 66 -14.58 -19.84 19.10
C GLN A 66 -13.65 -19.63 17.90
N ASN A 67 -13.07 -20.73 17.40
CA ASN A 67 -12.30 -20.72 16.17
C ASN A 67 -13.32 -21.04 15.08
N ASN A 68 -13.55 -20.13 14.16
CA ASN A 68 -14.52 -20.40 13.06
C ASN A 68 -13.87 -20.75 11.74
N GLY A 69 -12.59 -21.06 11.79
CA GLY A 69 -11.85 -21.39 10.59
C GLY A 69 -11.26 -20.23 9.82
N HIS A 70 -11.63 -19.00 10.17
CA HIS A 70 -11.15 -17.78 9.49
C HIS A 70 -10.49 -16.79 10.48
N SER A 71 -10.88 -16.90 11.74
CA SER A 71 -10.50 -15.98 12.79
C SER A 71 -10.82 -16.63 14.13
N VAL A 72 -10.56 -15.92 15.21
CA VAL A 72 -11.14 -16.24 16.50
C VAL A 72 -12.18 -15.15 16.81
N MET A 73 -13.33 -15.58 17.33
CA MET A 73 -14.52 -14.74 17.49
C MET A 73 -15.13 -14.92 18.87
N MET A 74 -15.24 -13.80 19.60
CA MET A 74 -16.02 -13.74 20.84
C MET A 74 -17.49 -13.48 20.50
N LEU A 75 -18.38 -14.25 21.10
CA LEU A 75 -19.82 -14.10 20.92
C LEU A 75 -20.30 -13.11 21.99
N LEU A 76 -20.82 -11.95 21.55
CA LEU A 76 -21.19 -10.90 22.45
C LEU A 76 -22.67 -10.96 22.86
N GLU A 77 -23.46 -11.71 22.10
CA GLU A 77 -24.85 -12.08 22.51
C GLU A 77 -25.72 -10.88 22.94
N ASN A 78 -25.58 -9.76 22.27
CA ASN A 78 -26.37 -8.55 22.55
C ASN A 78 -26.17 -8.01 23.93
N LYS A 79 -24.97 -8.37 24.70
CA LYS A 79 -24.76 -7.95 26.09
C LYS A 79 -24.13 -6.58 26.18
N ALA A 80 -23.92 -5.93 25.03
CA ALA A 80 -23.39 -4.57 24.98
C ALA A 80 -23.92 -3.85 23.75
N SER A 81 -23.82 -2.53 23.74
CA SER A 81 -24.34 -1.72 22.65
C SER A 81 -23.59 -0.41 22.58
N ILE A 82 -23.74 0.26 21.45
CA ILE A 82 -23.16 1.58 21.27
C ILE A 82 -24.19 2.55 20.72
N SER A 83 -23.96 3.82 20.97
CA SER A 83 -24.71 4.92 20.38
C SER A 83 -23.76 6.11 20.24
N GLY A 84 -24.27 7.20 19.67
CA GLY A 84 -23.41 8.34 19.32
C GLY A 84 -22.52 8.03 18.13
N GLY A 85 -21.34 8.64 18.05
CA GLY A 85 -20.41 8.38 16.96
C GLY A 85 -20.99 8.70 15.59
N GLY A 86 -21.90 9.66 15.55
CA GLY A 86 -22.61 9.99 14.32
C GLY A 86 -23.57 8.98 13.77
N LEU A 87 -23.90 7.97 14.57
CA LEU A 87 -24.73 6.87 14.12
C LEU A 87 -26.20 7.27 14.27
N PRO A 88 -27.05 6.75 13.40
CA PRO A 88 -28.50 7.10 13.37
C PRO A 88 -29.32 6.53 14.51
N ALA A 89 -28.78 5.55 15.22
CA ALA A 89 -29.55 4.78 16.17
C ALA A 89 -28.56 3.99 17.02
N PRO A 90 -29.00 3.34 18.10
CA PRO A 90 -28.12 2.44 18.83
C PRO A 90 -27.89 1.17 18.01
N TYR A 91 -26.76 0.54 18.23
CA TYR A 91 -26.38 -0.69 17.60
C TYR A 91 -26.02 -1.72 18.66
N GLN A 92 -26.58 -2.91 18.52
CA GLN A 92 -26.30 -4.03 19.44
C GLN A 92 -25.02 -4.80 19.09
N ALA A 93 -24.19 -5.10 20.09
CA ALA A 93 -22.94 -5.84 19.84
C ALA A 93 -23.25 -7.31 19.62
N LYS A 94 -22.69 -7.85 18.54
CA LYS A 94 -22.93 -9.21 18.10
C LYS A 94 -21.70 -10.13 18.27
N GLN A 95 -20.54 -9.68 17.79
CA GLN A 95 -19.30 -10.44 17.89
C GLN A 95 -18.06 -9.57 17.81
N LEU A 96 -16.93 -10.10 18.28
CA LEU A 96 -15.63 -9.43 18.15
C LEU A 96 -14.65 -10.45 17.57
N HIS A 97 -13.89 -10.06 16.56
CA HIS A 97 -12.91 -10.95 15.99
C HIS A 97 -11.68 -10.14 15.56
N LEU A 98 -10.64 -10.83 15.09
CA LEU A 98 -9.39 -10.17 14.69
C LEU A 98 -8.84 -10.67 13.38
N HIS A 99 -7.97 -9.85 12.79
CA HIS A 99 -7.18 -10.16 11.59
C HIS A 99 -5.72 -9.90 11.98
N TRP A 100 -4.79 -10.74 11.51
CA TRP A 100 -3.42 -10.61 11.97
C TRP A 100 -2.44 -11.31 11.03
N SER A 101 -1.16 -11.03 11.31
CA SER A 101 -0.06 -11.76 10.69
C SER A 101 0.94 -12.17 11.76
N ASP A 102 2.15 -12.52 11.33
CA ASP A 102 3.29 -12.67 12.23
C ASP A 102 4.40 -11.64 11.94
N LEU A 103 4.10 -10.64 11.11
CA LEU A 103 5.01 -9.53 10.78
C LEU A 103 4.30 -8.18 11.00
N PRO A 104 5.03 -7.16 11.43
CA PRO A 104 4.42 -5.94 11.98
C PRO A 104 3.61 -5.10 10.99
N TYR A 105 3.84 -5.22 9.71
CA TYR A 105 3.18 -4.36 8.74
C TYR A 105 2.36 -5.10 7.72
N LYS A 106 1.86 -6.28 8.07
CA LYS A 106 0.98 -6.98 7.16
C LYS A 106 -0.17 -7.71 7.88
N GLY A 107 -0.48 -7.26 9.09
CA GLY A 107 -1.58 -7.82 9.84
C GLY A 107 -2.90 -7.03 9.93
N SER A 108 -2.95 -5.83 9.36
CA SER A 108 -4.20 -5.04 9.41
C SER A 108 -4.91 -5.13 8.09
N GLU A 109 -6.21 -4.87 8.12
CA GLU A 109 -7.01 -4.81 6.89
C GLU A 109 -7.01 -3.42 6.32
N HIS A 110 -7.37 -2.43 7.13
CA HIS A 110 -7.21 -1.03 6.75
C HIS A 110 -5.74 -0.57 6.95
N SER A 111 -5.38 0.51 6.27
CA SER A 111 -4.13 1.22 6.47
C SER A 111 -4.41 2.75 6.58
N LEU A 112 -3.50 3.45 7.24
CA LEU A 112 -3.56 4.89 7.41
C LEU A 112 -2.36 5.54 6.73
N ASP A 113 -2.62 6.30 5.68
CA ASP A 113 -1.54 6.87 4.89
C ASP A 113 -0.50 5.85 4.45
N GLY A 114 -0.95 4.64 4.15
CA GLY A 114 -0.08 3.58 3.66
C GLY A 114 0.61 2.79 4.77
N GLU A 115 0.36 3.15 6.02
CA GLU A 115 0.96 2.44 7.13
C GLU A 115 0.03 1.33 7.60
N HIS A 116 0.55 0.10 7.63
CA HIS A 116 -0.15 -1.08 8.11
C HIS A 116 0.27 -1.45 9.53
N PHE A 117 -0.55 -2.29 10.15
CA PHE A 117 -0.32 -2.66 11.53
C PHE A 117 -0.24 -4.17 11.70
N ALA A 118 0.07 -4.59 12.93
CA ALA A 118 0.32 -6.00 13.23
C ALA A 118 -0.97 -6.80 13.34
N MET A 119 -2.04 -6.15 13.80
CA MET A 119 -3.38 -6.79 13.85
C MET A 119 -4.45 -5.74 13.62
N GLU A 120 -5.68 -6.19 13.39
CA GLU A 120 -6.83 -5.32 13.40
C GLU A 120 -8.00 -6.03 14.07
N MET A 121 -8.61 -5.37 15.05
CA MET A 121 -9.70 -5.95 15.81
C MET A 121 -11.01 -5.31 15.34
N HIS A 122 -12.03 -6.13 15.16
CA HIS A 122 -13.30 -5.73 14.61
C HIS A 122 -14.41 -6.05 15.62
N ILE A 123 -15.08 -5.01 16.13
CA ILE A 123 -16.22 -5.22 17.02
C ILE A 123 -17.47 -4.96 16.19
N VAL A 124 -18.26 -6.02 15.95
CA VAL A 124 -19.35 -6.02 15.01
C VAL A 124 -20.71 -5.83 15.72
N HIS A 125 -21.47 -4.84 15.28
CA HIS A 125 -22.74 -4.45 15.85
C HIS A 125 -23.82 -4.35 14.76
N GLU A 126 -25.09 -4.54 15.16
CA GLU A 126 -26.21 -4.45 14.24
C GLU A 126 -27.21 -3.35 14.66
N LYS A 127 -27.71 -2.60 13.68
CA LYS A 127 -28.59 -1.47 13.88
C LYS A 127 -29.88 -1.94 14.53
N GLU A 128 -30.28 -1.25 15.57
CA GLU A 128 -31.59 -1.44 16.17
C GLU A 128 -32.59 -0.58 15.44
N LYS A 129 -33.68 -1.17 14.98
CA LYS A 129 -34.71 -0.39 14.27
C LYS A 129 -36.08 -0.53 14.92
N PRO A 141 -29.82 -1.86 3.71
CA PRO A 141 -29.38 -0.51 4.12
C PRO A 141 -27.85 -0.46 4.13
N GLU A 142 -27.33 0.70 3.77
CA GLU A 142 -25.87 0.87 3.73
C GLU A 142 -25.18 0.85 5.12
N ASP A 143 -25.97 0.97 6.19
CA ASP A 143 -25.42 1.06 7.56
C ASP A 143 -26.13 0.07 8.50
N GLU A 144 -26.55 -1.06 7.97
CA GLU A 144 -27.16 -2.14 8.79
C GLU A 144 -26.21 -2.68 9.89
N ILE A 145 -24.92 -2.74 9.57
CA ILE A 145 -23.88 -3.18 10.46
C ILE A 145 -22.90 -2.03 10.73
N ALA A 146 -22.56 -1.82 12.00
CA ALA A 146 -21.47 -0.91 12.37
C ALA A 146 -20.33 -1.73 12.91
N VAL A 147 -19.18 -1.64 12.24
CA VAL A 147 -17.98 -2.25 12.77
C VAL A 147 -17.07 -1.17 13.35
N LEU A 148 -16.65 -1.40 14.61
CA LEU A 148 -15.58 -0.62 15.25
C LEU A 148 -14.25 -1.31 15.00
N ALA A 149 -13.33 -0.60 14.32
CA ALA A 149 -12.04 -1.17 13.95
C ALA A 149 -10.89 -0.52 14.69
N PHE A 150 -10.09 -1.34 15.38
CA PHE A 150 -8.92 -0.88 16.13
C PHE A 150 -7.68 -1.50 15.55
N LEU A 151 -6.68 -0.67 15.32
CA LEU A 151 -5.41 -1.12 14.79
C LEU A 151 -4.46 -1.46 15.97
N VAL A 152 -3.70 -2.52 15.79
CA VAL A 152 -2.88 -3.07 16.86
C VAL A 152 -1.43 -3.07 16.44
N GLU A 153 -0.57 -2.64 17.34
CA GLU A 153 0.89 -2.72 17.15
C GLU A 153 1.59 -3.27 18.40
N ALA A 154 2.85 -3.68 18.22
CA ALA A 154 3.66 -4.11 19.37
C ALA A 154 4.09 -2.91 20.22
N GLY A 155 3.88 -3.00 21.53
CA GLY A 155 4.37 -2.02 22.48
C GLY A 155 5.39 -2.62 23.44
N THR A 156 5.64 -1.90 24.51
CA THR A 156 6.68 -2.26 25.48
C THR A 156 6.23 -3.30 26.52
N GLN A 157 4.92 -3.48 26.67
CA GLN A 157 4.37 -4.18 27.82
C GLN A 157 3.26 -5.15 27.43
N VAL A 158 3.03 -6.13 28.32
CA VAL A 158 1.83 -6.98 28.23
C VAL A 158 0.57 -6.11 28.45
N ASN A 159 -0.39 -6.27 27.55
CA ASN A 159 -1.67 -5.62 27.67
C ASN A 159 -2.52 -6.57 28.49
N GLU A 160 -2.70 -6.24 29.77
CA GLU A 160 -3.37 -7.13 30.68
C GLU A 160 -4.81 -7.39 30.30
N GLY A 161 -5.45 -6.37 29.73
CA GLY A 161 -6.81 -6.51 29.27
C GLY A 161 -7.06 -7.60 28.24
N PHE A 162 -6.05 -7.84 27.41
CA PHE A 162 -6.07 -8.92 26.42
C PHE A 162 -5.71 -10.32 26.95
N GLN A 163 -5.25 -10.42 28.20
CA GLN A 163 -4.79 -11.70 28.67
C GLN A 163 -5.84 -12.83 28.71
N PRO A 164 -7.05 -12.58 29.19
CA PRO A 164 -8.08 -13.64 29.09
C PRO A 164 -8.28 -14.14 27.67
N LEU A 165 -8.29 -13.27 26.67
CA LEU A 165 -8.46 -13.75 25.29
C LEU A 165 -7.23 -14.60 24.85
N VAL A 166 -6.04 -14.05 25.06
CA VAL A 166 -4.81 -14.71 24.63
C VAL A 166 -4.67 -16.10 25.31
N GLU A 167 -5.03 -16.14 26.58
CA GLU A 167 -5.02 -17.37 27.40
C GLU A 167 -6.00 -18.45 26.93
N ALA A 168 -7.12 -18.02 26.34
CA ALA A 168 -8.14 -18.91 25.82
C ALA A 168 -7.73 -19.59 24.52
N LEU A 169 -6.79 -19.00 23.78
CA LEU A 169 -6.50 -19.46 22.43
C LEU A 169 -6.07 -20.93 22.34
N SER A 170 -5.28 -21.40 23.30
CA SER A 170 -4.82 -22.80 23.25
C SER A 170 -5.93 -23.82 23.49
N ASN A 171 -7.12 -23.35 23.86
CA ASN A 171 -8.26 -24.23 24.01
C ASN A 171 -9.16 -24.28 22.78
N ILE A 172 -8.80 -23.53 21.74
CA ILE A 172 -9.53 -23.56 20.45
C ILE A 172 -8.59 -23.58 19.26
N PRO A 173 -7.64 -24.50 19.26
CA PRO A 173 -6.66 -24.56 18.19
C PRO A 173 -7.30 -24.92 16.87
N LYS A 174 -8.40 -25.69 16.86
CA LYS A 174 -9.00 -26.18 15.61
C LYS A 174 -10.32 -25.46 15.28
N PRO A 175 -10.63 -25.29 14.01
CA PRO A 175 -11.98 -24.84 13.62
C PRO A 175 -13.09 -25.65 14.28
N GLU A 176 -14.13 -24.94 14.68
CA GLU A 176 -15.33 -25.43 15.38
C GLU A 176 -15.19 -25.52 16.87
N MET A 177 -13.98 -25.49 17.39
CA MET A 177 -13.83 -25.51 18.83
C MET A 177 -14.27 -24.20 19.48
N SER A 178 -14.78 -24.35 20.71
CA SER A 178 -15.31 -23.29 21.53
C SER A 178 -14.79 -23.42 22.98
N THR A 179 -14.58 -22.31 23.63
CA THR A 179 -14.23 -22.28 25.05
C THR A 179 -14.81 -21.04 25.74
N THR A 180 -14.67 -20.98 27.06
CA THR A 180 -15.12 -19.87 27.88
C THR A 180 -13.92 -19.11 28.43
N MET A 181 -13.87 -17.80 28.17
CA MET A 181 -12.83 -16.94 28.72
C MET A 181 -13.03 -16.68 30.20
N ALA A 182 -11.93 -16.43 30.91
CA ALA A 182 -12.00 -15.92 32.25
C ALA A 182 -12.64 -14.52 32.23
N GLU A 183 -13.15 -14.11 33.39
CA GLU A 183 -13.88 -12.84 33.55
C GLU A 183 -13.12 -11.69 32.93
N SER A 184 -13.82 -10.93 32.08
CA SER A 184 -13.19 -9.80 31.38
C SER A 184 -14.25 -8.86 30.80
N SER A 185 -13.88 -7.62 30.54
CA SER A 185 -14.78 -6.64 29.96
C SER A 185 -14.33 -6.26 28.56
N LEU A 186 -15.22 -5.71 27.76
CA LEU A 186 -14.82 -5.18 26.47
C LEU A 186 -13.97 -3.94 26.66
N LEU A 187 -14.27 -3.15 27.71
CA LEU A 187 -13.51 -1.96 28.04
C LEU A 187 -12.01 -2.25 28.21
N ASP A 188 -11.70 -3.42 28.79
CA ASP A 188 -10.32 -3.92 29.01
C ASP A 188 -9.52 -4.04 27.69
N LEU A 189 -10.23 -4.22 26.58
CA LEU A 189 -9.60 -4.37 25.26
C LEU A 189 -9.35 -3.03 24.54
N LEU A 190 -9.99 -1.96 24.96
CA LEU A 190 -9.93 -0.69 24.22
C LEU A 190 -8.94 0.32 24.78
N PRO A 191 -8.51 1.26 23.94
CA PRO A 191 -7.84 2.46 24.44
C PRO A 191 -8.68 3.22 25.48
N LYS A 192 -8.02 4.06 26.27
CA LYS A 192 -8.70 5.03 27.15
C LYS A 192 -9.74 5.82 26.34
N GLU A 193 -10.87 6.12 26.96
CA GLU A 193 -12.03 6.63 26.21
C GLU A 193 -11.73 8.01 25.63
N GLU A 194 -10.88 8.73 26.33
CA GLU A 194 -10.45 10.04 25.87
C GLU A 194 -9.79 9.92 24.49
N LYS A 195 -9.11 8.80 24.22
CA LYS A 195 -8.41 8.59 22.96
C LYS A 195 -9.29 8.03 21.84
N LEU A 196 -10.55 7.75 22.12
CA LEU A 196 -11.51 7.28 21.11
C LEU A 196 -12.27 8.41 20.45
N ARG A 197 -11.88 9.65 20.74
CA ARG A 197 -12.61 10.78 20.20
C ARG A 197 -12.24 10.98 18.73
N HIS A 198 -11.05 10.54 18.34
CA HIS A 198 -10.55 10.71 16.97
C HIS A 198 -10.67 9.42 16.14
N TYR A 199 -11.49 9.47 15.12
CA TYR A 199 -11.69 8.33 14.26
C TYR A 199 -12.04 8.75 12.83
N PHE A 200 -11.94 7.78 11.92
CA PHE A 200 -12.30 7.89 10.51
C PHE A 200 -13.58 7.14 10.24
N ARG A 201 -14.37 7.63 9.28
CA ARG A 201 -15.70 7.07 9.00
C ARG A 201 -15.97 6.98 7.52
N TYR A 202 -16.43 5.81 7.05
CA TYR A 202 -16.88 5.67 5.67
C TYR A 202 -17.88 4.54 5.55
N LEU A 203 -18.51 4.46 4.39
CA LEU A 203 -19.43 3.39 4.08
C LEU A 203 -18.78 2.37 3.19
N GLY A 204 -18.85 1.09 3.59
CA GLY A 204 -18.34 0.01 2.79
C GLY A 204 -19.01 -1.33 3.03
N SER A 205 -18.17 -2.36 3.09
CA SER A 205 -18.62 -3.74 3.06
C SER A 205 -18.06 -4.62 4.16
N LEU A 206 -18.63 -5.82 4.26
CA LEU A 206 -18.00 -6.88 4.99
C LEU A 206 -16.70 -7.24 4.26
N THR A 207 -15.66 -7.57 5.00
CA THR A 207 -14.34 -7.95 4.39
C THR A 207 -14.16 -9.46 4.09
N THR A 208 -15.23 -10.22 4.22
CA THR A 208 -15.27 -11.65 3.82
C THR A 208 -16.51 -11.86 2.98
N PRO A 209 -16.57 -12.94 2.18
CA PRO A 209 -17.81 -13.28 1.49
C PRO A 209 -18.95 -13.34 2.51
N THR A 210 -20.15 -12.88 2.21
CA THR A 210 -20.55 -12.46 0.86
C THR A 210 -20.27 -10.98 0.52
N CYS A 211 -19.48 -10.28 1.36
CA CYS A 211 -19.03 -8.91 1.04
C CYS A 211 -20.14 -7.87 0.90
N ASP A 212 -21.21 -8.05 1.68
CA ASP A 212 -22.37 -7.18 1.55
C ASP A 212 -22.01 -5.74 1.82
N GLU A 213 -22.52 -4.83 0.99
CA GLU A 213 -22.28 -3.39 1.11
C GLU A 213 -23.29 -2.76 2.08
N LYS A 214 -23.12 -3.12 3.36
CA LYS A 214 -24.09 -2.75 4.42
C LYS A 214 -23.43 -2.36 5.74
N VAL A 215 -22.14 -1.98 5.65
CA VAL A 215 -21.37 -1.68 6.83
C VAL A 215 -21.04 -0.17 6.90
N VAL A 216 -21.37 0.44 8.02
CA VAL A 216 -20.77 1.72 8.33
C VAL A 216 -19.50 1.46 9.17
N TRP A 217 -18.35 1.84 8.60
CA TRP A 217 -17.04 1.64 9.23
C TRP A 217 -16.57 2.79 10.08
N THR A 218 -15.91 2.44 11.18
CA THR A 218 -15.21 3.39 12.01
C THR A 218 -13.85 2.81 12.28
N VAL A 219 -12.82 3.57 11.94
CA VAL A 219 -11.45 3.18 12.17
C VAL A 219 -10.85 4.20 13.13
N PHE A 220 -10.52 3.77 14.35
CA PHE A 220 -9.94 4.64 15.35
C PHE A 220 -8.47 4.98 15.01
N ARG A 221 -8.08 6.23 15.22
CA ARG A 221 -6.75 6.68 14.86
C ARG A 221 -5.69 6.11 15.81
N GLU A 222 -6.06 5.98 17.07
CA GLU A 222 -5.16 5.55 18.14
C GLU A 222 -4.98 4.03 18.13
N PRO A 223 -3.75 3.57 17.95
CA PRO A 223 -3.47 2.12 17.97
C PRO A 223 -3.57 1.56 19.38
N ILE A 224 -4.03 0.31 19.51
CA ILE A 224 -3.86 -0.53 20.72
C ILE A 224 -2.47 -1.11 20.68
N GLN A 225 -1.84 -1.26 21.84
CA GLN A 225 -0.54 -1.91 21.94
C GLN A 225 -0.63 -3.22 22.71
N LEU A 226 -0.11 -4.28 22.11
CA LEU A 226 0.07 -5.56 22.78
C LEU A 226 1.58 -5.84 22.83
N HIS A 227 2.03 -6.66 23.77
CA HIS A 227 3.41 -7.17 23.73
C HIS A 227 3.60 -8.07 22.50
N ARG A 228 4.79 -8.08 21.93
CA ARG A 228 5.08 -8.97 20.81
C ARG A 228 4.60 -10.40 21.05
N GLU A 229 4.87 -10.94 22.23
CA GLU A 229 4.53 -12.34 22.51
C GLU A 229 3.00 -12.57 22.46
N GLN A 230 2.22 -11.58 22.85
CA GLN A 230 0.74 -11.69 22.80
C GLN A 230 0.26 -11.73 21.37
N ILE A 231 0.85 -10.91 20.50
CA ILE A 231 0.48 -10.91 19.11
C ILE A 231 0.87 -12.26 18.43
N LEU A 232 2.09 -12.72 18.65
CA LEU A 232 2.56 -14.01 18.12
C LEU A 232 1.71 -15.20 18.60
N ALA A 233 1.13 -15.10 19.79
CA ALA A 233 0.29 -16.19 20.34
C ALA A 233 -0.80 -16.60 19.38
N PHE A 234 -1.27 -15.63 18.60
CA PHE A 234 -2.40 -15.88 17.73
C PHE A 234 -1.97 -16.87 16.64
N SER A 235 -0.84 -16.56 15.99
CA SER A 235 -0.34 -17.44 14.91
C SER A 235 0.33 -18.71 15.45
N GLN A 236 0.76 -18.69 16.69
CA GLN A 236 1.40 -19.87 17.30
C GLN A 236 0.45 -20.93 17.86
N LYS A 237 -0.76 -20.53 18.23
CA LYS A 237 -1.70 -21.41 18.93
C LYS A 237 -2.89 -21.80 18.07
N LEU A 238 -3.17 -21.07 16.99
CA LEU A 238 -4.38 -21.24 16.18
C LEU A 238 -4.07 -21.77 14.80
N TYR A 239 -5.01 -22.55 14.27
CA TYR A 239 -4.90 -23.23 12.99
C TYR A 239 -6.17 -23.02 12.15
N TYR A 240 -5.97 -22.94 10.84
CA TYR A 240 -7.03 -22.90 9.84
C TYR A 240 -7.76 -24.24 9.67
N ASP A 241 -7.07 -25.34 9.95
CA ASP A 241 -7.58 -26.68 9.60
C ASP A 241 -7.61 -27.62 10.81
N LYS A 242 -8.61 -28.49 10.84
CA LYS A 242 -8.75 -29.46 11.94
C LYS A 242 -7.56 -30.40 12.03
N GLU A 243 -6.64 -30.52 10.70
CA GLU A 243 -5.44 -31.33 10.78
C GLU A 243 -4.29 -30.58 11.47
N GLN A 244 -4.48 -29.31 11.83
CA GLN A 244 -3.44 -28.49 12.46
C GLN A 244 -2.10 -28.45 11.68
N THR A 245 -2.18 -28.34 10.37
CA THR A 245 -0.98 -28.20 9.52
C THR A 245 -0.78 -26.81 8.97
N VAL A 246 -1.82 -25.98 8.99
CA VAL A 246 -1.70 -24.61 8.53
C VAL A 246 -2.03 -23.63 9.64
N SER A 247 -1.00 -22.93 10.11
CA SER A 247 -1.14 -21.96 11.20
C SER A 247 -2.04 -20.79 10.72
N MET A 248 -2.92 -20.32 11.60
CA MET A 248 -3.84 -19.24 11.28
C MET A 248 -3.10 -17.92 11.36
N LYS A 249 -2.94 -17.30 10.21
CA LYS A 249 -2.32 -15.98 10.07
C LYS A 249 -2.56 -15.50 8.66
N ASP A 250 -2.30 -14.21 8.43
CA ASP A 250 -2.57 -13.56 7.15
C ASP A 250 -4.03 -13.74 6.70
N ASN A 251 -4.93 -13.72 7.67
CA ASN A 251 -6.36 -13.70 7.38
C ASN A 251 -6.81 -12.26 7.10
N VAL A 252 -6.25 -11.69 6.03
CA VAL A 252 -6.35 -10.26 5.67
C VAL A 252 -6.83 -10.17 4.21
N ARG A 253 -7.95 -9.49 3.99
CA ARG A 253 -8.43 -9.23 2.65
C ARG A 253 -7.57 -8.12 2.03
N PRO A 254 -7.16 -8.27 0.77
CA PRO A 254 -6.42 -7.20 0.11
C PRO A 254 -7.19 -5.87 0.07
N LEU A 255 -6.44 -4.79 0.00
CA LEU A 255 -7.01 -3.45 -0.08
C LEU A 255 -7.91 -3.28 -1.31
N GLN A 256 -9.03 -2.61 -1.09
CA GLN A 256 -10.00 -2.27 -2.12
C GLN A 256 -9.96 -0.77 -2.45
N GLN A 257 -10.47 -0.41 -3.62
CA GLN A 257 -10.43 1.00 -4.02
C GLN A 257 -11.58 1.82 -3.45
N LEU A 258 -11.22 3.00 -2.95
CA LEU A 258 -12.20 3.96 -2.42
C LEU A 258 -13.24 4.35 -3.49
N GLY A 259 -12.80 4.57 -4.72
CA GLY A 259 -13.71 5.02 -5.78
C GLY A 259 -14.28 6.40 -5.48
N GLN A 260 -15.55 6.60 -5.80
CA GLN A 260 -16.15 7.91 -5.66
C GLN A 260 -16.65 8.22 -4.22
N ARG A 261 -16.45 7.28 -3.29
CA ARG A 261 -16.74 7.57 -1.86
C ARG A 261 -15.76 8.54 -1.24
N THR A 262 -16.18 9.18 -0.15
CA THR A 262 -15.23 9.93 0.66
C THR A 262 -15.16 9.33 2.05
N VAL A 263 -14.09 9.69 2.73
CA VAL A 263 -13.93 9.37 4.13
C VAL A 263 -14.08 10.67 4.91
N ILE A 264 -14.75 10.60 6.06
CA ILE A 264 -14.89 11.77 6.92
C ILE A 264 -14.26 11.42 8.26
N LYS A 265 -13.95 12.43 9.08
CA LYS A 265 -13.28 12.23 10.36
C LYS A 265 -13.78 13.15 11.44
N SER A 266 -13.59 12.76 12.68
CA SER A 266 -14.07 13.56 13.80
C SER A 266 -13.07 14.65 14.17
N HIS B 4 20.28 -13.99 -13.66
CA HIS B 4 19.15 -13.17 -14.20
C HIS B 4 18.19 -12.79 -13.12
N TRP B 5 17.75 -11.53 -13.15
CA TRP B 5 16.74 -11.05 -12.22
C TRP B 5 15.45 -10.72 -12.96
N CYS B 6 14.33 -10.75 -12.21
CA CYS B 6 13.02 -10.46 -12.75
C CYS B 6 12.08 -9.85 -11.71
N TYR B 7 10.95 -9.34 -12.18
CA TYR B 7 9.85 -8.92 -11.31
C TYR B 7 8.94 -10.12 -10.96
N GLU B 8 8.21 -10.00 -9.85
CA GLU B 8 7.33 -11.07 -9.31
C GLU B 8 6.41 -11.64 -10.40
N VAL B 9 5.84 -10.76 -11.22
CA VAL B 9 4.85 -11.10 -12.25
C VAL B 9 5.44 -12.03 -13.32
N GLN B 10 6.75 -11.99 -13.49
CA GLN B 10 7.48 -12.90 -14.38
C GLN B 10 7.83 -14.27 -13.77
N ALA B 11 7.70 -14.41 -12.46
CA ALA B 11 7.95 -15.70 -11.80
C ALA B 11 6.97 -16.71 -12.34
N GLU B 12 5.71 -16.30 -12.37
CA GLU B 12 4.62 -17.15 -12.81
C GLU B 12 4.81 -17.40 -14.31
N SER B 13 5.01 -16.32 -15.06
CA SER B 13 4.92 -16.35 -16.52
C SER B 13 6.16 -16.80 -17.29
N SER B 14 7.35 -16.64 -16.74
CA SER B 14 8.57 -16.85 -17.53
C SER B 14 9.02 -18.32 -17.49
N ASN B 15 9.46 -18.83 -18.65
CA ASN B 15 9.88 -20.23 -18.76
C ASN B 15 11.41 -20.30 -18.74
N TYR B 16 12.00 -19.65 -17.74
CA TYR B 16 13.44 -19.67 -17.54
C TYR B 16 13.70 -19.22 -16.11
N PRO B 17 14.77 -19.70 -15.48
CA PRO B 17 15.01 -19.37 -14.07
C PRO B 17 15.43 -17.92 -13.95
N CYS B 18 14.91 -17.26 -12.92
CA CYS B 18 15.27 -15.88 -12.62
C CYS B 18 14.96 -15.56 -11.15
N LEU B 19 15.62 -14.54 -10.63
CA LEU B 19 15.50 -14.19 -9.23
C LEU B 19 14.42 -13.11 -9.06
N VAL B 20 13.40 -13.44 -8.29
CA VAL B 20 12.30 -12.51 -7.97
C VAL B 20 12.76 -11.50 -6.89
N PRO B 21 12.03 -10.38 -6.74
CA PRO B 21 12.48 -9.30 -5.85
C PRO B 21 12.94 -9.72 -4.45
N VAL B 22 12.21 -10.61 -3.79
CA VAL B 22 12.60 -10.98 -2.41
C VAL B 22 13.89 -11.79 -2.42
N LYS B 23 14.29 -12.31 -3.58
CA LYS B 23 15.53 -13.10 -3.70
C LYS B 23 16.66 -12.37 -4.44
N TRP B 24 16.46 -11.09 -4.78
CA TRP B 24 17.52 -10.34 -5.42
C TRP B 24 18.79 -10.31 -4.55
N GLY B 25 20.33 -10.41 -5.36
CA GLY B 25 21.46 -10.39 -4.45
C GLY B 25 21.96 -8.97 -4.34
N GLY B 26 23.27 -8.81 -4.55
CA GLY B 26 23.92 -7.51 -4.45
C GLY B 26 23.59 -6.82 -3.13
N ASN B 27 23.21 -5.56 -3.22
CA ASN B 27 22.89 -4.73 -2.06
C ASN B 27 21.39 -4.68 -1.75
N CYS B 28 20.62 -5.49 -2.47
CA CYS B 28 19.15 -5.42 -2.45
C CYS B 28 18.48 -5.79 -1.12
N GLN B 29 19.23 -6.43 -0.21
CA GLN B 29 18.69 -6.84 1.08
C GLN B 29 19.19 -5.96 2.24
N LYS B 30 19.80 -4.81 1.93
CA LYS B 30 20.28 -3.86 2.93
C LYS B 30 19.15 -2.91 3.45
N ASP B 31 19.52 -1.83 4.16
CA ASP B 31 18.60 -1.08 5.02
C ASP B 31 18.24 0.33 4.56
N ARG B 32 18.76 0.77 3.42
CA ARG B 32 18.47 2.11 2.89
C ARG B 32 18.04 1.96 1.42
N GLN B 33 17.11 1.05 1.22
CA GLN B 33 16.54 0.71 -0.08
C GLN B 33 15.37 1.60 -0.55
N SER B 34 15.10 1.53 -1.85
CA SER B 34 13.98 2.24 -2.48
C SER B 34 13.20 1.24 -3.32
N PRO B 35 11.92 1.47 -3.63
CA PRO B 35 11.12 2.64 -3.28
C PRO B 35 10.52 2.52 -1.87
N ILE B 36 9.89 3.60 -1.46
CA ILE B 36 9.21 3.67 -0.18
C ILE B 36 7.83 4.30 -0.32
N ASN B 37 7.03 4.10 0.74
CA ASN B 37 5.84 4.88 0.95
C ASN B 37 6.23 6.15 1.66
N ILE B 38 5.76 7.26 1.13
CA ILE B 38 6.02 8.55 1.72
C ILE B 38 4.81 8.99 2.47
N VAL B 39 4.93 9.09 3.79
CA VAL B 39 3.86 9.68 4.61
C VAL B 39 4.06 11.20 4.68
N THR B 40 3.22 11.93 3.95
CA THR B 40 3.45 13.34 3.64
C THR B 40 3.45 14.21 4.87
N THR B 41 2.61 13.86 5.83
CA THR B 41 2.54 14.65 7.07
C THR B 41 3.78 14.48 7.93
N LYS B 42 4.51 13.38 7.72
CA LYS B 42 5.74 13.09 8.45
C LYS B 42 7.01 13.60 7.75
N ALA B 43 6.89 14.12 6.55
CA ALA B 43 8.04 14.74 5.88
C ALA B 43 8.19 16.20 6.31
N LYS B 44 9.37 16.57 6.81
CA LYS B 44 9.66 17.93 7.30
C LYS B 44 9.88 18.94 6.18
N VAL B 45 9.21 20.10 6.23
CA VAL B 45 9.43 21.15 5.24
C VAL B 45 10.84 21.66 5.44
N ASP B 46 11.55 21.84 4.34
CA ASP B 46 12.90 22.42 4.34
C ASP B 46 12.88 23.49 3.26
N LYS B 47 12.95 24.75 3.68
CA LYS B 47 12.70 25.88 2.79
C LYS B 47 13.92 26.16 1.92
N LYS B 48 15.02 25.47 2.20
CA LYS B 48 16.24 25.58 1.38
C LYS B 48 16.24 24.59 0.20
N LEU B 49 15.22 23.74 0.14
CA LEU B 49 14.90 22.96 -1.07
C LEU B 49 14.23 23.85 -2.11
N GLY B 50 15.07 24.47 -2.93
CA GLY B 50 14.62 25.43 -3.92
C GLY B 50 14.26 24.80 -5.24
N ARG B 51 13.95 25.64 -6.22
CA ARG B 51 13.56 25.15 -7.53
C ARG B 51 14.73 24.49 -8.24
N PHE B 52 14.39 23.55 -9.11
CA PHE B 52 15.35 22.93 -10.00
C PHE B 52 15.59 23.83 -11.18
N PHE B 53 16.78 23.79 -11.69
CA PHE B 53 17.09 24.44 -12.97
C PHE B 53 17.47 23.36 -13.96
N PHE B 54 16.81 23.36 -15.11
CA PHE B 54 17.06 22.40 -16.18
C PHE B 54 17.88 23.02 -17.33
N SER B 55 18.88 22.29 -17.81
CA SER B 55 19.68 22.66 -18.96
C SER B 55 19.53 21.55 -20.02
N GLY B 56 19.14 21.95 -21.23
CA GLY B 56 18.95 21.04 -22.34
C GLY B 56 17.62 20.30 -22.36
N TYR B 57 16.78 20.54 -21.37
CA TYR B 57 15.47 19.86 -21.28
C TYR B 57 14.52 20.42 -22.32
N ASP B 58 14.80 21.65 -22.77
CA ASP B 58 13.91 22.29 -23.73
C ASP B 58 14.28 22.02 -25.18
N LYS B 59 15.46 21.48 -25.45
CA LYS B 59 15.98 21.28 -26.81
C LYS B 59 15.34 20.06 -27.49
N LYS B 60 14.88 20.23 -28.72
CA LYS B 60 14.31 19.14 -29.51
C LYS B 60 15.41 18.21 -30.05
N GLN B 61 15.27 16.92 -29.77
CA GLN B 61 16.24 15.91 -30.20
C GLN B 61 15.49 14.74 -30.82
N THR B 62 16.17 13.92 -31.62
CA THR B 62 15.66 12.56 -31.96
C THR B 62 16.33 11.43 -31.14
N TRP B 63 15.69 11.06 -30.03
CA TRP B 63 16.32 10.20 -29.03
C TRP B 63 16.22 8.73 -29.42
N THR B 64 17.23 7.96 -29.08
CA THR B 64 17.15 6.51 -29.19
C THR B 64 16.37 6.00 -27.96
N VAL B 65 15.40 5.12 -28.21
CA VAL B 65 14.66 4.45 -27.13
C VAL B 65 14.76 2.95 -27.36
N GLN B 66 14.94 2.20 -26.28
CA GLN B 66 15.15 0.78 -26.35
C GLN B 66 14.39 -0.04 -25.32
N ASN B 67 13.98 -1.23 -25.74
CA ASN B 67 13.43 -2.24 -24.82
C ASN B 67 14.59 -3.03 -24.23
N ASN B 68 14.84 -2.94 -22.91
CA ASN B 68 15.96 -3.66 -22.29
C ASN B 68 15.55 -4.94 -21.53
N GLY B 69 14.30 -5.37 -21.71
CA GLY B 69 13.77 -6.58 -21.09
C GLY B 69 13.24 -6.33 -19.67
N HIS B 70 13.38 -5.10 -19.19
CA HIS B 70 12.83 -4.67 -17.89
C HIS B 70 11.92 -3.43 -17.95
N SER B 71 12.14 -2.60 -18.95
CA SER B 71 11.47 -1.35 -19.13
C SER B 71 11.76 -0.89 -20.58
N VAL B 72 11.28 0.31 -20.90
CA VAL B 72 11.75 1.05 -22.09
C VAL B 72 12.54 2.26 -21.61
N MET B 73 13.66 2.50 -22.26
CA MET B 73 14.63 3.50 -21.83
C MET B 73 15.09 4.39 -22.98
N MET B 74 14.98 5.70 -22.78
CA MET B 74 15.56 6.71 -23.69
C MET B 74 16.97 6.97 -23.25
N LEU B 75 17.89 7.01 -24.22
CA LEU B 75 19.30 7.18 -23.92
C LEU B 75 19.59 8.65 -24.01
N LEU B 76 19.93 9.27 -22.88
CA LEU B 76 20.06 10.74 -22.86
C LEU B 76 21.46 11.29 -23.14
N GLU B 77 22.48 10.44 -23.02
CA GLU B 77 23.84 10.72 -23.57
C GLU B 77 24.47 12.02 -23.05
N ASN B 78 24.19 12.39 -21.81
CA ASN B 78 24.78 13.63 -21.25
C ASN B 78 24.49 14.86 -22.07
N LYS B 79 23.12 14.90 -22.71
CA LYS B 79 22.78 16.01 -23.58
C LYS B 79 21.91 17.00 -22.79
N ALA B 80 21.67 16.67 -21.51
CA ALA B 80 20.93 17.52 -20.60
C ALA B 80 21.51 17.36 -19.18
N SER B 81 21.12 18.27 -18.28
CA SER B 81 21.61 18.31 -16.92
C SER B 81 20.65 19.09 -15.99
N ILE B 82 20.82 18.90 -14.69
CA ILE B 82 20.05 19.58 -13.68
C ILE B 82 20.92 20.17 -12.60
N SER B 83 20.42 21.21 -11.97
CA SER B 83 21.03 21.78 -10.76
C SER B 83 19.94 22.40 -9.90
N GLY B 84 20.31 22.96 -8.75
CA GLY B 84 19.29 23.43 -7.82
C GLY B 84 18.59 22.23 -7.16
N GLY B 85 17.30 22.36 -6.85
CA GLY B 85 16.56 21.32 -6.15
C GLY B 85 17.19 20.88 -4.85
N GLY B 86 17.92 21.76 -4.19
CA GLY B 86 18.68 21.41 -3.00
C GLY B 86 19.86 20.48 -3.22
N LEU B 87 20.26 20.25 -4.47
CA LEU B 87 21.40 19.38 -4.78
C LEU B 87 22.72 20.16 -4.66
N PRO B 88 23.76 19.50 -4.15
CA PRO B 88 25.03 20.20 -3.91
C PRO B 88 25.93 20.39 -5.14
N ALA B 89 25.56 19.84 -6.29
CA ALA B 89 26.32 19.96 -7.54
C ALA B 89 25.38 19.72 -8.73
N PRO B 90 25.84 20.02 -9.94
CA PRO B 90 25.08 19.67 -11.15
C PRO B 90 25.22 18.18 -11.45
N TYR B 91 24.17 17.62 -12.05
CA TYR B 91 24.08 16.21 -12.40
C TYR B 91 23.68 16.11 -13.89
N GLN B 92 24.34 15.22 -14.61
CA GLN B 92 24.08 15.04 -16.05
C GLN B 92 23.14 13.89 -16.33
N ALA B 93 22.22 14.14 -17.26
CA ALA B 93 21.20 13.19 -17.67
C ALA B 93 21.78 11.97 -18.41
N LYS B 94 21.51 10.78 -17.89
CA LYS B 94 21.98 9.53 -18.45
C LYS B 94 20.89 8.76 -19.23
N GLN B 95 19.75 8.53 -18.59
CA GLN B 95 18.68 7.74 -19.19
C GLN B 95 17.33 8.07 -18.54
N LEU B 96 16.25 7.79 -19.26
CA LEU B 96 14.89 7.97 -18.75
C LEU B 96 14.15 6.65 -19.01
N HIS B 97 13.50 6.08 -18.00
CA HIS B 97 12.71 4.86 -18.21
C HIS B 97 11.46 4.94 -17.34
N LEU B 98 10.58 3.99 -17.47
CA LEU B 98 9.34 3.96 -16.71
C LEU B 98 9.03 2.60 -16.06
N HIS B 99 8.12 2.66 -15.10
CA HIS B 99 7.53 1.49 -14.45
C HIS B 99 6.01 1.66 -14.58
N TRP B 100 5.28 0.59 -14.78
CA TRP B 100 3.83 0.73 -15.01
C TRP B 100 3.11 -0.58 -14.76
N SER B 101 1.79 -0.48 -14.80
CA SER B 101 0.90 -1.63 -14.81
C SER B 101 -0.16 -1.53 -15.92
N ASP B 102 -1.26 -2.25 -15.77
CA ASP B 102 -2.42 -2.06 -16.65
C ASP B 102 -3.69 -1.68 -15.85
N LEU B 103 -3.51 -1.41 -14.55
CA LEU B 103 -4.57 -0.94 -13.64
C LEU B 103 -4.10 0.40 -13.00
N PRO B 104 -5.02 1.33 -12.80
CA PRO B 104 -4.65 2.69 -12.37
C PRO B 104 -4.00 2.79 -10.98
N TYR B 105 -4.07 1.75 -10.14
CA TYR B 105 -3.57 1.85 -8.76
C TYR B 105 -2.35 0.99 -8.43
N LYS B 106 -1.63 0.41 -9.43
CA LYS B 106 -0.50 -0.48 -9.13
C LYS B 106 0.72 -0.40 -10.08
N GLY B 107 0.90 0.75 -10.69
CA GLY B 107 2.01 0.96 -11.59
C GLY B 107 3.17 1.82 -11.09
N SER B 108 3.05 2.51 -9.97
CA SER B 108 4.17 3.32 -9.47
C SER B 108 4.99 2.51 -8.48
N GLU B 109 6.24 2.91 -8.33
CA GLU B 109 7.12 2.33 -7.34
C GLU B 109 6.94 2.98 -5.98
N HIS B 110 7.06 4.30 -5.93
CA HIS B 110 6.74 5.06 -4.75
C HIS B 110 5.22 5.19 -4.57
N SER B 111 4.80 5.31 -3.32
CA SER B 111 3.42 5.73 -2.99
C SER B 111 3.42 6.97 -2.11
N LEU B 112 2.37 7.79 -2.23
CA LEU B 112 2.20 8.94 -1.37
C LEU B 112 1.00 8.63 -0.48
N ASP B 113 1.25 8.57 0.83
CA ASP B 113 0.17 8.25 1.79
C ASP B 113 -0.63 7.01 1.40
N GLY B 114 0.08 5.99 0.89
CA GLY B 114 -0.50 4.71 0.51
C GLY B 114 -1.13 4.69 -0.89
N GLU B 115 -1.17 5.84 -1.57
CA GLU B 115 -1.76 5.93 -2.91
C GLU B 115 -0.70 5.67 -3.99
N HIS B 116 -1.01 4.70 -4.83
CA HIS B 116 -0.17 4.28 -5.94
C HIS B 116 -0.77 4.92 -7.18
N PHE B 117 0.03 5.01 -8.24
CA PHE B 117 -0.36 5.66 -9.47
C PHE B 117 -0.16 4.70 -10.63
N ALA B 118 -0.60 5.10 -11.82
CA ALA B 118 -0.63 4.23 -13.00
C ALA B 118 0.74 3.95 -13.61
N MET B 119 1.65 4.92 -13.49
CA MET B 119 3.07 4.73 -13.90
C MET B 119 3.98 5.56 -13.01
N GLU B 120 5.28 5.30 -13.14
CA GLU B 120 6.30 6.18 -12.55
C GLU B 120 7.44 6.31 -13.52
N MET B 121 7.83 7.57 -13.80
CA MET B 121 8.88 7.89 -14.75
C MET B 121 10.12 8.29 -13.96
N HIS B 122 11.24 7.69 -14.28
CA HIS B 122 12.53 7.99 -13.63
C HIS B 122 13.51 8.60 -14.61
N ILE B 123 13.96 9.85 -14.34
CA ILE B 123 15.03 10.44 -15.13
C ILE B 123 16.29 10.35 -14.29
N VAL B 124 17.26 9.58 -14.77
CA VAL B 124 18.43 9.19 -14.02
C VAL B 124 19.61 10.07 -14.44
N HIS B 125 20.25 10.64 -13.44
CA HIS B 125 21.35 11.62 -13.64
C HIS B 125 22.55 11.19 -12.80
N GLU B 126 23.75 11.51 -13.25
CA GLU B 126 24.97 11.19 -12.50
C GLU B 126 25.75 12.48 -12.19
N LYS B 127 26.33 12.54 -10.98
CA LYS B 127 26.91 13.76 -10.47
C LYS B 127 28.11 14.14 -11.36
N GLU B 128 28.20 15.39 -11.76
CA GLU B 128 29.32 15.85 -12.60
C GLU B 128 30.61 16.01 -11.80
N GLU B 137 38.12 11.45 -6.67
CA GLU B 137 37.81 10.06 -7.02
C GLU B 137 37.20 9.22 -5.85
N ALA B 138 37.37 9.62 -4.59
CA ALA B 138 36.51 9.09 -3.53
C ALA B 138 35.23 9.94 -3.46
N GLN B 139 34.25 9.60 -4.32
CA GLN B 139 32.99 10.33 -4.38
C GLN B 139 32.17 10.10 -3.10
N ASP B 140 31.26 11.02 -2.82
CA ASP B 140 30.29 10.85 -1.74
C ASP B 140 29.46 9.61 -2.10
N PRO B 141 29.51 8.56 -1.28
CA PRO B 141 28.83 7.31 -1.65
C PRO B 141 27.29 7.42 -1.82
N GLU B 142 26.65 8.34 -1.10
CA GLU B 142 25.19 8.34 -0.97
C GLU B 142 24.43 9.12 -2.05
N ASP B 143 25.10 9.92 -2.87
CA ASP B 143 24.37 10.79 -3.79
C ASP B 143 25.06 10.90 -5.15
N GLU B 144 25.68 9.80 -5.56
CA GLU B 144 26.33 9.65 -6.88
C GLU B 144 25.32 9.80 -8.02
N ILE B 145 24.11 9.28 -7.81
CA ILE B 145 23.03 9.31 -8.79
C ILE B 145 21.87 10.12 -8.24
N ALA B 146 21.27 10.98 -9.06
CA ALA B 146 20.07 11.68 -8.70
C ALA B 146 18.97 11.18 -9.64
N VAL B 147 17.92 10.59 -9.08
CA VAL B 147 16.75 10.23 -9.86
C VAL B 147 15.59 11.20 -9.62
N LEU B 148 15.06 11.73 -10.71
CA LEU B 148 13.85 12.53 -10.66
C LEU B 148 12.70 11.58 -10.94
N ALA B 149 11.76 11.50 -10.00
CA ALA B 149 10.62 10.60 -10.15
C ALA B 149 9.34 11.37 -10.33
N PHE B 150 8.61 11.08 -11.38
CA PHE B 150 7.30 11.62 -11.69
C PHE B 150 6.26 10.53 -11.70
N LEU B 151 5.17 10.79 -10.98
CA LEU B 151 4.04 9.88 -10.91
C LEU B 151 3.07 10.21 -12.05
N VAL B 152 2.47 9.19 -12.65
CA VAL B 152 1.58 9.39 -13.79
C VAL B 152 0.18 8.84 -13.49
N GLU B 153 -0.83 9.59 -13.90
CA GLU B 153 -2.21 9.12 -13.80
C GLU B 153 -2.99 9.45 -15.04
N ALA B 154 -4.16 8.82 -15.15
CA ALA B 154 -4.99 9.04 -16.34
C ALA B 154 -5.74 10.36 -16.24
N GLY B 155 -5.70 11.14 -17.32
CA GLY B 155 -6.55 12.30 -17.49
C GLY B 155 -7.49 12.05 -18.65
N THR B 156 -8.24 13.07 -19.05
CA THR B 156 -9.17 12.88 -20.16
C THR B 156 -8.68 13.59 -21.43
N GLN B 157 -7.44 14.09 -21.46
CA GLN B 157 -6.87 14.59 -22.70
C GLN B 157 -5.61 13.80 -23.07
N VAL B 158 -5.40 13.62 -24.37
CA VAL B 158 -4.15 13.12 -24.89
C VAL B 158 -3.06 14.10 -24.50
N ASN B 159 -1.96 13.57 -23.93
CA ASN B 159 -0.79 14.34 -23.67
C ASN B 159 0.06 14.33 -24.93
N GLU B 160 -0.02 15.39 -25.71
CA GLU B 160 0.64 15.42 -27.01
C GLU B 160 2.16 15.33 -26.86
N GLY B 161 2.67 15.81 -25.75
CA GLY B 161 4.09 15.69 -25.43
C GLY B 161 4.64 14.30 -25.40
N PHE B 162 3.83 13.35 -24.96
CA PHE B 162 4.23 11.93 -24.83
C PHE B 162 4.08 11.16 -26.12
N GLN B 163 3.46 11.75 -27.14
CA GLN B 163 3.15 10.98 -28.33
C GLN B 163 4.39 10.42 -29.05
N PRO B 164 5.47 11.18 -29.23
CA PRO B 164 6.64 10.57 -29.85
C PRO B 164 7.14 9.31 -29.14
N LEU B 165 7.15 9.32 -27.80
CA LEU B 165 7.54 8.14 -27.03
C LEU B 165 6.54 6.99 -27.24
N VAL B 166 5.25 7.28 -27.13
CA VAL B 166 4.22 6.24 -27.23
C VAL B 166 4.23 5.59 -28.65
N GLU B 167 4.39 6.43 -29.67
CA GLU B 167 4.46 5.94 -31.04
C GLU B 167 5.69 5.08 -31.29
N ALA B 168 6.81 5.45 -30.67
CA ALA B 168 8.04 4.70 -30.83
C ALA B 168 7.93 3.31 -30.23
N LEU B 169 7.02 3.11 -29.27
CA LEU B 169 6.92 1.79 -28.66
C LEU B 169 6.54 0.70 -29.70
N SER B 170 5.87 1.09 -30.77
CA SER B 170 5.45 0.16 -31.83
C SER B 170 6.66 -0.55 -32.49
N ASN B 171 7.82 0.10 -32.44
CA ASN B 171 9.03 -0.46 -33.06
C ASN B 171 9.98 -1.18 -32.12
N ILE B 172 9.62 -1.32 -30.85
CA ILE B 172 10.49 -2.01 -29.93
C ILE B 172 9.76 -3.03 -29.03
N PRO B 173 9.00 -3.91 -29.65
CA PRO B 173 8.25 -4.92 -28.88
C PRO B 173 9.11 -5.88 -28.08
N LYS B 174 10.26 -6.30 -28.57
CA LYS B 174 11.07 -7.24 -27.77
C LYS B 174 12.36 -6.66 -27.25
N PRO B 175 12.85 -7.27 -26.18
CA PRO B 175 14.15 -6.91 -25.66
C PRO B 175 15.20 -6.89 -26.73
N GLU B 176 16.11 -5.94 -26.55
CA GLU B 176 17.26 -5.68 -27.40
C GLU B 176 16.91 -4.94 -28.67
N MET B 177 15.66 -4.51 -28.81
CA MET B 177 15.31 -3.66 -29.96
C MET B 177 15.44 -2.21 -29.52
N SER B 178 15.87 -1.37 -30.46
CA SER B 178 15.97 0.09 -30.30
C SER B 178 15.32 0.77 -31.53
N THR B 179 14.92 2.01 -31.37
CA THR B 179 14.38 2.82 -32.44
C THR B 179 14.66 4.29 -32.17
N THR B 180 14.47 5.12 -33.18
CA THR B 180 14.63 6.57 -33.03
C THR B 180 13.28 7.22 -32.87
N MET B 181 13.09 7.97 -31.80
CA MET B 181 11.86 8.74 -31.62
C MET B 181 11.83 9.98 -32.52
N ALA B 182 10.63 10.36 -32.92
CA ALA B 182 10.40 11.65 -33.58
C ALA B 182 10.87 12.78 -32.68
N GLU B 183 11.17 13.94 -33.29
CA GLU B 183 11.71 15.09 -32.59
C GLU B 183 10.85 15.42 -31.34
N SER B 184 11.51 15.59 -30.21
CA SER B 184 10.84 15.78 -28.92
C SER B 184 11.85 16.29 -27.91
N SER B 185 11.38 16.97 -26.87
CA SER B 185 12.25 17.37 -25.77
C SER B 185 11.89 16.62 -24.48
N LEU B 186 12.72 16.79 -23.47
CA LEU B 186 12.39 16.26 -22.15
C LEU B 186 11.27 17.08 -21.49
N LEU B 187 11.23 18.41 -21.68
CA LEU B 187 10.15 19.18 -21.10
C LEU B 187 8.81 18.74 -21.63
N ASP B 188 8.80 18.19 -22.86
CA ASP B 188 7.58 17.63 -23.44
C ASP B 188 6.96 16.56 -22.55
N LEU B 189 7.79 15.91 -21.72
CA LEU B 189 7.37 14.81 -20.86
C LEU B 189 6.98 15.21 -19.43
N LEU B 190 7.20 16.47 -19.09
CA LEU B 190 7.09 16.93 -17.69
C LEU B 190 5.82 17.76 -17.51
N PRO B 191 5.35 17.86 -16.26
CA PRO B 191 4.32 18.87 -15.92
C PRO B 191 4.85 20.29 -16.17
N LYS B 192 3.96 21.28 -16.15
CA LYS B 192 4.37 22.69 -16.21
C LYS B 192 5.42 22.90 -15.11
N GLU B 193 6.59 23.39 -15.50
CA GLU B 193 7.70 23.67 -14.55
C GLU B 193 7.22 24.37 -13.26
N GLU B 194 6.16 25.16 -13.36
CA GLU B 194 5.61 25.87 -12.21
C GLU B 194 5.00 24.94 -11.14
N LYS B 195 4.48 23.78 -11.56
CA LYS B 195 4.02 22.74 -10.66
C LYS B 195 5.12 21.78 -10.15
N LEU B 196 6.39 22.06 -10.47
CA LEU B 196 7.53 21.26 -10.00
C LEU B 196 8.21 21.82 -8.75
N ARG B 197 7.61 22.83 -8.12
CA ARG B 197 8.23 23.42 -6.92
C ARG B 197 8.08 22.52 -5.71
N HIS B 198 6.99 21.75 -5.65
CA HIS B 198 6.70 20.84 -4.52
C HIS B 198 7.15 19.42 -4.79
N TYR B 199 8.11 18.97 -4.00
CA TYR B 199 8.68 17.63 -4.12
C TYR B 199 9.13 17.10 -2.78
N PHE B 200 9.27 15.78 -2.73
CA PHE B 200 9.83 15.05 -1.60
C PHE B 200 11.25 14.61 -1.94
N ARG B 201 12.08 14.52 -0.91
CA ARG B 201 13.49 14.24 -1.02
C ARG B 201 13.93 13.29 0.10
N TYR B 202 14.64 12.24 -0.29
CA TYR B 202 15.22 11.29 0.64
C TYR B 202 16.40 10.57 -0.02
N LEU B 203 17.22 9.92 0.80
CA LEU B 203 18.38 9.14 0.34
C LEU B 203 18.04 7.66 0.32
N GLY B 204 18.38 7.00 -0.79
CA GLY B 204 18.12 5.57 -0.95
C GLY B 204 18.94 4.86 -2.01
N SER B 205 18.27 3.98 -2.75
CA SER B 205 18.95 3.04 -3.64
C SER B 205 18.37 2.99 -5.06
N LEU B 206 19.10 2.35 -5.96
CA LEU B 206 18.52 1.91 -7.23
C LEU B 206 17.41 0.91 -6.91
N THR B 207 16.41 0.87 -7.76
CA THR B 207 15.29 -0.04 -7.49
C THR B 207 15.33 -1.33 -8.28
N THR B 208 16.46 -1.58 -8.92
CA THR B 208 16.74 -2.87 -9.52
C THR B 208 18.10 -3.28 -9.07
N PRO B 209 18.43 -4.56 -9.23
CA PRO B 209 19.80 -5.02 -8.95
C PRO B 209 20.84 -4.19 -9.75
N THR B 210 21.97 -3.84 -9.16
CA THR B 210 22.41 -4.32 -7.85
C THR B 210 21.96 -3.49 -6.63
N CYS B 211 21.01 -2.59 -6.81
CA CYS B 211 20.36 -1.85 -5.72
C CYS B 211 21.35 -1.02 -4.91
N ASP B 212 22.38 -0.48 -5.56
CA ASP B 212 23.37 0.34 -4.85
C ASP B 212 22.70 1.52 -4.10
N GLU B 213 23.11 1.72 -2.85
CA GLU B 213 22.58 2.76 -2.01
C GLU B 213 23.36 4.04 -2.25
N LYS B 214 23.18 4.58 -3.47
CA LYS B 214 23.92 5.73 -3.92
C LYS B 214 23.03 6.78 -4.59
N VAL B 215 21.72 6.73 -4.34
CA VAL B 215 20.77 7.61 -5.03
C VAL B 215 20.20 8.70 -4.08
N VAL B 216 20.27 9.94 -4.52
CA VAL B 216 19.44 10.97 -3.94
C VAL B 216 18.15 11.09 -4.77
N TRP B 217 17.04 10.84 -4.07
CA TRP B 217 15.71 10.75 -4.68
C TRP B 217 14.92 12.04 -4.59
N THR B 218 14.19 12.33 -5.66
CA THR B 218 13.24 13.40 -5.72
C THR B 218 11.96 12.82 -6.28
N VAL B 219 10.87 12.96 -5.55
CA VAL B 219 9.57 12.50 -6.04
C VAL B 219 8.68 13.73 -6.09
N PHE B 220 8.30 14.16 -7.29
CA PHE B 220 7.45 15.33 -7.44
C PHE B 220 6.00 15.05 -6.99
N ARG B 221 5.40 16.02 -6.31
CA ARG B 221 4.04 15.82 -5.82
C ARG B 221 2.99 15.89 -6.94
N GLU B 222 3.21 16.73 -7.95
CA GLU B 222 2.26 16.94 -9.08
C GLU B 222 2.39 15.78 -10.07
N PRO B 223 1.33 14.99 -10.31
CA PRO B 223 1.43 13.93 -11.31
C PRO B 223 1.32 14.46 -12.72
N ILE B 224 2.00 13.77 -13.62
CA ILE B 224 1.76 13.85 -15.06
C ILE B 224 0.43 13.23 -15.40
N GLN B 225 -0.29 13.84 -16.36
CA GLN B 225 -1.54 13.26 -16.84
C GLN B 225 -1.40 12.73 -18.28
N LEU B 226 -1.67 11.45 -18.47
CA LEU B 226 -1.72 10.82 -19.79
C LEU B 226 -3.14 10.31 -20.02
N HIS B 227 -3.54 10.25 -21.27
CA HIS B 227 -4.81 9.58 -21.60
C HIS B 227 -4.67 8.07 -21.32
N ARG B 228 -5.78 7.45 -20.92
CA ARG B 228 -5.78 6.01 -20.61
C ARG B 228 -5.12 5.18 -21.71
N GLU B 229 -5.47 5.43 -22.96
CA GLU B 229 -4.91 4.63 -24.07
C GLU B 229 -3.38 4.83 -24.24
N GLN B 230 -2.86 6.00 -23.89
CA GLN B 230 -1.41 6.22 -23.84
C GLN B 230 -0.74 5.28 -22.79
N ILE B 231 -1.36 5.13 -21.63
CA ILE B 231 -0.79 4.28 -20.56
C ILE B 231 -0.86 2.83 -20.93
N LEU B 232 -2.01 2.45 -21.46
CA LEU B 232 -2.25 1.07 -21.86
C LEU B 232 -1.35 0.68 -23.02
N ALA B 233 -0.93 1.65 -23.83
CA ALA B 233 -0.04 1.36 -24.94
C ALA B 233 1.23 0.64 -24.48
N PHE B 234 1.69 0.93 -23.27
CA PHE B 234 2.93 0.33 -22.78
C PHE B 234 2.81 -1.19 -22.63
N SER B 235 1.75 -1.65 -21.97
CA SER B 235 1.54 -3.10 -21.78
C SER B 235 1.01 -3.79 -23.03
N GLN B 236 0.34 -3.04 -23.92
CA GLN B 236 -0.20 -3.58 -25.18
C GLN B 236 0.88 -3.81 -26.24
N LYS B 237 1.93 -3.00 -26.22
CA LYS B 237 2.93 -3.01 -27.29
C LYS B 237 4.23 -3.70 -26.95
N LEU B 238 4.58 -3.78 -25.65
CA LEU B 238 5.87 -4.28 -25.22
C LEU B 238 5.79 -5.65 -24.54
N TYR B 239 6.89 -6.38 -24.66
CA TYR B 239 7.06 -7.69 -24.04
C TYR B 239 8.35 -7.79 -23.23
N TYR B 240 8.33 -8.61 -22.19
CA TYR B 240 9.50 -8.88 -21.39
C TYR B 240 10.46 -9.82 -22.11
N ASP B 241 9.94 -10.68 -22.99
CA ASP B 241 10.70 -11.80 -23.52
C ASP B 241 10.90 -11.74 -25.06
N LYS B 242 12.05 -12.24 -25.53
CA LYS B 242 12.36 -12.37 -26.94
C LYS B 242 11.26 -13.09 -27.76
N GLU B 243 10.46 -14.13 -27.01
CA GLU B 243 9.43 -14.94 -27.66
C GLU B 243 8.10 -14.19 -27.78
N GLN B 244 8.02 -13.00 -27.16
CA GLN B 244 6.85 -12.13 -27.21
C GLN B 244 5.61 -12.87 -26.73
N THR B 245 5.73 -13.47 -25.54
CA THR B 245 4.61 -14.13 -24.89
C THR B 245 4.19 -13.54 -23.54
N VAL B 246 5.01 -12.68 -22.94
CA VAL B 246 4.64 -12.12 -21.66
C VAL B 246 4.67 -10.59 -21.76
N SER B 247 3.49 -9.97 -21.71
CA SER B 247 3.38 -8.52 -21.80
C SER B 247 4.18 -7.85 -20.69
N MET B 248 4.86 -6.78 -21.07
CA MET B 248 5.66 -6.02 -20.09
C MET B 248 4.73 -5.12 -19.30
N LYS B 249 4.54 -5.44 -18.03
CA LYS B 249 3.69 -4.68 -17.09
C LYS B 249 4.06 -5.13 -15.69
N ASP B 250 3.69 -4.35 -14.65
CA ASP B 250 4.04 -4.67 -13.26
C ASP B 250 5.52 -4.86 -13.08
N ASN B 251 6.29 -4.00 -13.76
CA ASN B 251 7.73 -3.96 -13.59
C ASN B 251 8.05 -2.98 -12.46
N VAL B 252 7.60 -3.36 -11.28
CA VAL B 252 7.55 -2.51 -10.11
C VAL B 252 8.19 -3.27 -8.96
N ARG B 253 9.17 -2.67 -8.29
CA ARG B 253 9.76 -3.30 -7.11
C ARG B 253 8.81 -3.10 -5.94
N PRO B 254 8.61 -4.10 -5.08
CA PRO B 254 7.81 -3.90 -3.86
C PRO B 254 8.44 -2.84 -2.94
N LEU B 255 7.58 -2.22 -2.13
CA LEU B 255 7.98 -1.20 -1.18
C LEU B 255 8.97 -1.71 -0.14
N GLN B 256 9.89 -0.83 0.21
CA GLN B 256 10.98 -1.10 1.15
C GLN B 256 10.76 -0.29 2.42
N GLN B 257 11.39 -0.72 3.52
CA GLN B 257 11.17 -0.09 4.82
C GLN B 257 12.00 1.19 4.91
N LEU B 258 11.39 2.25 5.41
CA LEU B 258 12.08 3.54 5.53
C LEU B 258 13.22 3.42 6.56
N GLY B 259 12.95 2.71 7.65
CA GLY B 259 13.96 2.50 8.69
C GLY B 259 14.31 3.81 9.39
N GLN B 260 15.60 4.07 9.54
CA GLN B 260 16.05 5.23 10.32
C GLN B 260 16.00 6.58 9.56
N ARG B 261 15.70 6.54 8.28
CA ARG B 261 15.82 7.71 7.43
C ARG B 261 14.71 8.68 7.64
N THR B 262 14.94 9.94 7.28
CA THR B 262 13.86 10.90 7.22
C THR B 262 13.66 11.45 5.79
N VAL B 263 12.40 11.75 5.48
CA VAL B 263 11.99 12.37 4.21
C VAL B 263 11.75 13.86 4.48
N ILE B 264 12.25 14.73 3.60
CA ILE B 264 11.99 16.16 3.66
C ILE B 264 11.20 16.60 2.43
N LYS B 265 10.63 17.78 2.48
CA LYS B 265 9.83 18.30 1.35
C LYS B 265 10.05 19.79 1.17
N SER B 266 9.84 20.27 -0.05
CA SER B 266 10.08 21.67 -0.36
C SER B 266 8.90 22.54 -0.03
#